data_1E9C
#
_entry.id   1E9C
#
_cell.length_a   101.300
_cell.length_b   101.300
_cell.length_c   49.200
_cell.angle_alpha   90.00
_cell.angle_beta   90.00
_cell.angle_gamma   90.00
#
_symmetry.space_group_name_H-M   'P 43 21 2'
#
loop_
_entity.id
_entity.type
_entity.pdbx_description
1 polymer 'THYMIDYLATE KINASE'
2 non-polymer "THYMIDINE-5'-PHOSPHATE"
3 non-polymer "ADENOSINE-5'-DIPHOSPHATE"
4 non-polymer 'PHOSPHOAMINOPHOSPHONIC ACID-ADENYLATE ESTER'
5 non-polymer 'MAGNESIUM ION'
6 water water
#
_entity_poly.entity_id   1
_entity_poly.type   'polypeptide(L)'
_entity_poly.pdbx_seq_one_letter_code
;GSHMAARRGALIVLEGVDRAGKSTQSRKLVEALCAAGHRAELLRFPERSTEIGKLLSSYLQKKSDVEDHSVHLLFSANRW
EQVPLIKEKLSQGVTLVVDRYAFSGVAYTGAKENFSLDWCKQPDVGLPKPDLVLFLQLQLADAAKRGAFGHERYENGAFQ
ERALRCFHQLMKDTTLNWKMVDASKSIEAVHEDIRVLSEDAIATATEKPLKELWK
;
_entity_poly.pdbx_strand_id   A
#
loop_
_chem_comp.id
_chem_comp.type
_chem_comp.name
_chem_comp.formula
ADP non-polymer ADENOSINE-5'-DIPHOSPHATE 'C10 H15 N5 O10 P2'
ANP non-polymer 'PHOSPHOAMINOPHOSPHONIC ACID-ADENYLATE ESTER' 'C10 H17 N6 O12 P3'
MG non-polymer 'MAGNESIUM ION' 'Mg 2'
TMP non-polymer THYMIDINE-5'-PHOSPHATE 'C10 H15 N2 O8 P'
#
# COMPACT_ATOMS: atom_id res chain seq x y z
N ARG A 7 14.88 -7.73 -18.30
CA ARG A 7 13.65 -6.87 -18.33
C ARG A 7 13.10 -6.86 -16.90
N ARG A 8 13.21 -5.75 -16.17
CA ARG A 8 12.74 -5.86 -14.79
C ARG A 8 11.23 -5.94 -14.68
N GLY A 9 10.78 -6.46 -13.52
CA GLY A 9 9.37 -6.48 -13.22
C GLY A 9 8.95 -5.09 -12.72
N ALA A 10 7.63 -4.94 -12.58
CA ALA A 10 7.06 -3.69 -12.11
C ALA A 10 6.75 -3.77 -10.60
N LEU A 11 6.80 -2.59 -9.98
CA LEU A 11 6.44 -2.54 -8.56
C LEU A 11 5.08 -1.87 -8.53
N ILE A 12 4.04 -2.59 -8.23
CA ILE A 12 2.69 -2.09 -8.18
C ILE A 12 2.14 -2.05 -6.76
N VAL A 13 1.68 -0.90 -6.29
CA VAL A 13 1.12 -0.79 -4.97
C VAL A 13 -0.37 -0.49 -4.97
N LEU A 14 -1.13 -1.15 -4.06
CA LEU A 14 -2.55 -0.81 -3.91
C LEU A 14 -2.66 -0.03 -2.61
N GLU A 15 -3.39 1.05 -2.60
CA GLU A 15 -3.57 1.84 -1.36
C GLU A 15 -5.03 2.23 -1.20
N GLY A 16 -5.42 2.69 0.00
CA GLY A 16 -6.85 3.06 0.16
C GLY A 16 -7.18 2.94 1.65
N VAL A 17 -8.34 3.41 2.05
CA VAL A 17 -8.75 3.34 3.44
C VAL A 17 -9.15 1.91 3.78
N ASP A 18 -9.57 1.73 5.03
N ASP A 18 -9.45 1.66 5.06
CA ASP A 18 -10.09 0.47 5.52
CA ASP A 18 -9.88 0.32 5.44
C ASP A 18 -11.25 -0.08 4.68
C ASP A 18 -11.18 -0.11 4.77
N ARG A 19 -11.17 -1.36 4.31
CA ARG A 19 -12.23 -2.02 3.57
C ARG A 19 -12.44 -1.57 2.14
N ALA A 20 -11.41 -0.85 1.62
CA ALA A 20 -11.51 -0.37 0.25
C ALA A 20 -11.44 -1.54 -0.75
N GLY A 21 -10.96 -2.71 -0.32
CA GLY A 21 -10.82 -3.84 -1.22
C GLY A 21 -9.40 -4.17 -1.60
N LYS A 22 -8.38 -3.57 -0.96
CA LYS A 22 -6.99 -3.77 -1.32
C LYS A 22 -6.53 -5.22 -1.34
N SER A 23 -6.84 -5.97 -0.29
CA SER A 23 -6.38 -7.35 -0.17
C SER A 23 -7.06 -8.27 -1.22
N THR A 24 -8.36 -8.09 -1.33
CA THR A 24 -9.08 -8.85 -2.39
C THR A 24 -8.48 -8.57 -3.73
N GLN A 25 -8.31 -7.30 -4.09
CA GLN A 25 -7.83 -6.93 -5.42
C GLN A 25 -6.35 -7.30 -5.63
N SER A 26 -5.53 -7.26 -4.59
CA SER A 26 -4.14 -7.65 -4.75
C SER A 26 -4.04 -9.15 -5.07
N ARG A 27 -4.82 -9.96 -4.36
CA ARG A 27 -4.80 -11.40 -4.57
C ARG A 27 -5.24 -11.71 -6.01
N LYS A 28 -6.37 -11.11 -6.37
CA LYS A 28 -6.89 -11.36 -7.72
C LYS A 28 -5.89 -10.89 -8.78
N LEU A 29 -5.26 -9.72 -8.56
CA LEU A 29 -4.37 -9.19 -9.60
C LEU A 29 -3.22 -10.14 -9.81
N VAL A 30 -2.64 -10.69 -8.74
CA VAL A 30 -1.52 -11.64 -8.96
C VAL A 30 -2.02 -12.90 -9.69
N GLU A 31 -3.18 -13.40 -9.28
CA GLU A 31 -3.72 -14.59 -9.99
C GLU A 31 -3.85 -14.34 -11.49
N ALA A 32 -4.44 -13.20 -11.84
CA ALA A 32 -4.64 -12.83 -13.26
C ALA A 32 -3.33 -12.65 -14.06
N LEU A 33 -2.34 -11.97 -13.50
CA LEU A 33 -1.07 -11.79 -14.19
C LEU A 33 -0.39 -13.13 -14.40
N CYS A 34 -0.38 -14.01 -13.42
CA CYS A 34 0.26 -15.31 -13.50
C CYS A 34 -0.47 -16.12 -14.60
N ALA A 35 -1.81 -16.00 -14.56
CA ALA A 35 -2.52 -16.76 -15.62
C ALA A 35 -2.25 -16.20 -17.01
N ALA A 36 -1.85 -14.95 -17.12
CA ALA A 36 -1.58 -14.32 -18.40
C ALA A 36 -0.11 -14.45 -18.79
N GLY A 37 0.58 -15.33 -18.09
CA GLY A 37 1.96 -15.68 -18.31
C GLY A 37 3.00 -14.74 -17.74
N HIS A 38 2.59 -13.82 -16.86
CA HIS A 38 3.53 -12.95 -16.18
C HIS A 38 4.11 -13.64 -14.94
N ARG A 39 5.34 -13.33 -14.57
CA ARG A 39 5.89 -13.75 -13.29
C ARG A 39 5.44 -12.69 -12.26
N ALA A 40 4.49 -12.97 -11.39
CA ALA A 40 4.04 -11.92 -10.47
C ALA A 40 3.93 -12.56 -9.09
N GLU A 41 4.25 -11.80 -8.06
CA GLU A 41 4.18 -12.28 -6.68
C GLU A 41 3.45 -11.24 -5.82
N LEU A 42 2.84 -11.69 -4.73
CA LEU A 42 2.13 -10.84 -3.81
C LEU A 42 2.91 -10.51 -2.52
N LEU A 43 2.99 -9.23 -2.18
CA LEU A 43 3.57 -8.78 -0.90
C LEU A 43 2.54 -7.90 -0.18
N ARG A 44 2.74 -7.70 1.12
CA ARG A 44 1.85 -6.83 1.87
C ARG A 44 2.61 -6.10 2.97
N PHE A 45 2.10 -4.97 3.39
CA PHE A 45 2.67 -4.27 4.54
C PHE A 45 1.50 -3.87 5.44
N PRO A 46 1.67 -4.04 6.73
CA PRO A 46 2.85 -4.61 7.35
C PRO A 46 2.99 -6.10 7.11
N GLU A 47 4.25 -6.50 7.02
CA GLU A 47 4.59 -7.93 6.87
C GLU A 47 4.70 -8.43 8.31
N ARG A 48 3.64 -9.11 8.79
CA ARG A 48 3.62 -9.47 10.21
C ARG A 48 4.37 -10.70 10.65
N SER A 49 5.16 -11.29 9.76
CA SER A 49 5.91 -12.48 10.07
C SER A 49 7.28 -12.25 10.67
N THR A 50 7.92 -11.10 10.44
CA THR A 50 9.25 -10.89 10.96
C THR A 50 9.15 -10.50 12.43
N GLU A 51 10.26 -10.30 13.11
CA GLU A 51 10.29 -9.88 14.51
C GLU A 51 9.62 -8.52 14.66
N ILE A 52 9.91 -7.59 13.76
CA ILE A 52 9.29 -6.27 13.76
C ILE A 52 7.79 -6.38 13.47
N GLY A 53 7.46 -7.16 12.43
CA GLY A 53 6.05 -7.42 12.11
C GLY A 53 5.26 -7.98 13.27
N LYS A 54 5.87 -8.84 14.10
CA LYS A 54 5.14 -9.30 15.27
C LYS A 54 4.83 -8.19 16.27
N LEU A 55 5.76 -7.25 16.45
CA LEU A 55 5.53 -6.12 17.34
C LEU A 55 4.35 -5.28 16.79
N LEU A 56 4.35 -5.15 15.46
CA LEU A 56 3.30 -4.32 14.82
C LEU A 56 1.92 -4.97 14.92
N SER A 57 1.92 -6.31 14.74
CA SER A 57 0.70 -7.07 14.83
C SER A 57 0.12 -6.99 16.23
N SER A 58 0.98 -7.15 17.23
CA SER A 58 0.50 -7.01 18.61
C SER A 58 -0.01 -5.61 18.87
N TYR A 59 0.65 -4.56 18.36
CA TYR A 59 0.15 -3.21 18.52
C TYR A 59 -1.21 -3.04 17.86
N LEU A 60 -1.36 -3.54 16.65
CA LEU A 60 -2.61 -3.37 15.92
C LEU A 60 -3.77 -4.11 16.56
N GLN A 61 -3.47 -5.23 17.19
CA GLN A 61 -4.49 -6.07 17.81
C GLN A 61 -4.81 -5.54 19.21
N LYS A 62 -4.21 -4.40 19.56
CA LYS A 62 -4.38 -3.80 20.88
C LYS A 62 -3.92 -4.69 22.02
N LYS A 63 -3.00 -5.59 21.73
CA LYS A 63 -2.43 -6.45 22.77
C LYS A 63 -1.23 -5.78 23.41
N SER A 64 -0.75 -4.69 22.81
CA SER A 64 0.35 -3.92 23.35
C SER A 64 0.17 -2.46 22.89
N ASP A 65 0.67 -1.56 23.72
CA ASP A 65 0.64 -0.15 23.34
C ASP A 65 2.09 0.21 22.97
N VAL A 66 2.23 1.03 21.94
CA VAL A 66 3.56 1.39 21.46
C VAL A 66 3.56 2.91 21.25
N GLU A 67 4.60 3.58 21.74
CA GLU A 67 4.74 5.03 21.56
C GLU A 67 4.61 5.37 20.07
N ASP A 68 3.84 6.39 19.72
CA ASP A 68 3.45 6.68 18.35
C ASP A 68 4.60 6.94 17.38
N HIS A 69 5.65 7.62 17.79
CA HIS A 69 6.80 7.79 16.90
C HIS A 69 7.54 6.47 16.68
N SER A 70 7.69 5.70 17.76
CA SER A 70 8.29 4.39 17.67
C SER A 70 7.50 3.49 16.73
N VAL A 71 6.17 3.48 16.86
CA VAL A 71 5.44 2.54 15.97
C VAL A 71 5.55 2.97 14.51
N HIS A 72 5.60 4.30 14.30
CA HIS A 72 5.77 4.77 12.92
C HIS A 72 7.10 4.28 12.33
N LEU A 73 8.19 4.39 13.11
CA LEU A 73 9.51 3.97 12.62
C LEU A 73 9.53 2.45 12.44
N LEU A 74 8.80 1.71 13.29
CA LEU A 74 8.76 0.25 13.09
C LEU A 74 8.11 -0.11 11.76
N PHE A 75 7.03 0.60 11.45
CA PHE A 75 6.29 0.37 10.17
C PHE A 75 7.28 0.57 9.03
N SER A 76 8.02 1.71 9.06
CA SER A 76 8.98 1.91 7.95
C SER A 76 10.09 0.87 7.95
N ALA A 77 10.63 0.52 9.11
CA ALA A 77 11.69 -0.49 9.21
C ALA A 77 11.18 -1.80 8.62
N ASN A 78 9.90 -2.05 8.82
CA ASN A 78 9.27 -3.30 8.26
C ASN A 78 9.32 -3.29 6.74
N ARG A 79 9.39 -2.15 6.04
CA ARG A 79 9.50 -2.15 4.60
C ARG A 79 10.99 -2.31 4.22
N TRP A 80 11.82 -1.48 4.89
CA TRP A 80 13.25 -1.57 4.63
C TRP A 80 13.81 -2.96 4.79
N GLU A 81 13.32 -3.81 5.71
CA GLU A 81 13.87 -5.16 5.81
C GLU A 81 13.49 -5.98 4.59
N GLN A 82 12.46 -5.58 3.82
CA GLN A 82 12.12 -6.38 2.63
C GLN A 82 12.77 -5.78 1.38
N VAL A 83 13.47 -4.63 1.48
CA VAL A 83 14.05 -4.02 0.27
C VAL A 83 15.01 -4.90 -0.49
N PRO A 84 15.95 -5.57 0.14
CA PRO A 84 16.89 -6.42 -0.61
C PRO A 84 16.08 -7.44 -1.41
N LEU A 85 15.06 -8.06 -0.82
CA LEU A 85 14.21 -9.01 -1.58
C LEU A 85 13.44 -8.38 -2.72
N ILE A 86 12.88 -7.20 -2.47
CA ILE A 86 12.10 -6.48 -3.47
C ILE A 86 12.96 -6.16 -4.67
N LYS A 87 14.17 -5.63 -4.39
CA LYS A 87 15.07 -5.27 -5.48
C LYS A 87 15.55 -6.48 -6.30
N GLU A 88 15.81 -7.56 -5.58
CA GLU A 88 16.27 -8.78 -6.26
C GLU A 88 15.15 -9.37 -7.13
N LYS A 89 13.95 -9.47 -6.58
CA LYS A 89 12.84 -10.00 -7.39
C LYS A 89 12.56 -9.20 -8.63
N LEU A 90 12.47 -7.87 -8.50
CA LEU A 90 12.19 -7.03 -9.66
C LEU A 90 13.28 -7.20 -10.71
N SER A 91 14.54 -7.25 -10.26
CA SER A 91 15.63 -7.30 -11.25
C SER A 91 15.62 -8.63 -11.99
N GLN A 92 15.04 -9.65 -11.39
CA GLN A 92 14.94 -10.97 -12.01
C GLN A 92 13.76 -11.03 -12.99
N GLY A 93 12.92 -9.99 -13.04
CA GLY A 93 11.79 -10.02 -13.97
C GLY A 93 10.45 -10.23 -13.29
N VAL A 94 10.42 -10.35 -11.96
CA VAL A 94 9.16 -10.54 -11.27
C VAL A 94 8.45 -9.25 -10.93
N THR A 95 7.17 -9.15 -11.28
CA THR A 95 6.35 -7.99 -10.92
C THR A 95 5.80 -8.27 -9.52
N LEU A 96 5.90 -7.26 -8.65
CA LEU A 96 5.46 -7.40 -7.27
C LEU A 96 4.22 -6.52 -7.07
N VAL A 97 3.17 -7.12 -6.61
CA VAL A 97 1.87 -6.51 -6.28
C VAL A 97 1.86 -6.38 -4.76
N VAL A 98 1.85 -5.15 -4.26
CA VAL A 98 2.00 -4.84 -2.83
C VAL A 98 0.74 -4.25 -2.21
N ASP A 99 0.26 -4.94 -1.16
CA ASP A 99 -0.94 -4.43 -0.47
C ASP A 99 -0.49 -3.51 0.68
N ARG A 100 -0.57 -2.22 0.39
CA ARG A 100 -0.17 -1.11 1.22
C ARG A 100 1.34 -0.96 1.17
N TYR A 101 1.77 0.32 1.29
CA TYR A 101 3.21 0.59 1.29
C TYR A 101 3.47 1.85 2.12
N ALA A 102 4.42 2.67 1.71
CA ALA A 102 4.79 3.88 2.45
C ALA A 102 3.68 4.91 2.56
N PHE A 103 2.73 4.90 1.62
CA PHE A 103 1.61 5.84 1.66
C PHE A 103 0.71 5.55 2.84
N SER A 104 0.36 4.29 3.14
CA SER A 104 -0.44 3.97 4.30
C SER A 104 0.37 4.35 5.56
N GLY A 105 1.70 4.20 5.45
CA GLY A 105 2.55 4.54 6.61
C GLY A 105 2.40 6.01 6.97
N VAL A 106 2.43 6.93 6.00
CA VAL A 106 2.26 8.36 6.26
C VAL A 106 0.83 8.73 6.58
N ALA A 107 -0.16 8.18 5.87
CA ALA A 107 -1.54 8.56 6.07
C ALA A 107 -2.07 8.17 7.44
N TYR A 108 -1.64 7.01 7.97
CA TYR A 108 -2.19 6.59 9.24
C TYR A 108 -1.53 7.28 10.43
N THR A 109 -0.24 7.49 10.36
CA THR A 109 0.45 8.16 11.48
C THR A 109 0.09 9.65 11.35
N GLY A 110 -0.11 10.06 10.09
CA GLY A 110 -0.46 11.46 9.82
C GLY A 110 -1.85 11.80 10.31
N ALA A 111 -2.69 10.80 10.55
CA ALA A 111 -4.01 11.06 11.13
C ALA A 111 -4.00 11.35 12.63
N LYS A 112 -2.85 11.21 13.27
CA LYS A 112 -2.74 11.45 14.71
C LYS A 112 -2.41 12.93 14.90
N GLU A 113 -2.82 13.51 16.02
CA GLU A 113 -2.51 14.94 16.17
C GLU A 113 -1.01 15.14 16.27
N ASN A 114 -0.57 16.27 15.76
CA ASN A 114 0.80 16.74 15.77
C ASN A 114 1.82 15.88 15.07
N PHE A 115 1.48 15.22 13.95
CA PHE A 115 2.52 14.50 13.20
C PHE A 115 2.55 15.12 11.81
N SER A 116 3.58 15.88 11.45
CA SER A 116 3.57 16.50 10.13
C SER A 116 3.75 15.46 9.03
N LEU A 117 3.28 15.78 7.82
CA LEU A 117 3.47 14.83 6.73
C LEU A 117 4.95 14.74 6.39
N ASP A 118 5.64 15.89 6.44
CA ASP A 118 7.07 15.85 6.16
C ASP A 118 7.75 14.88 7.11
N TRP A 119 7.47 14.94 8.42
CA TRP A 119 8.17 14.07 9.37
C TRP A 119 7.81 12.59 9.11
N CYS A 120 6.53 12.32 8.82
CA CYS A 120 6.17 10.91 8.59
C CYS A 120 6.79 10.36 7.31
N LYS A 121 7.03 11.21 6.28
CA LYS A 121 7.61 10.62 5.07
C LYS A 121 9.06 10.18 5.21
N GLN A 122 9.87 10.96 5.94
CA GLN A 122 11.31 10.80 5.96
C GLN A 122 11.87 9.41 6.07
N PRO A 123 11.42 8.59 7.00
CA PRO A 123 12.00 7.28 7.19
C PRO A 123 11.88 6.47 5.88
N ASP A 124 10.78 6.77 5.16
CA ASP A 124 10.57 5.98 3.94
C ASP A 124 11.26 6.60 2.73
N VAL A 125 11.92 7.74 2.93
CA VAL A 125 12.62 8.35 1.77
C VAL A 125 13.71 7.40 1.28
N GLY A 126 13.77 7.09 -0.01
CA GLY A 126 14.77 6.16 -0.52
C GLY A 126 14.29 4.74 -0.78
N LEU A 127 13.08 4.37 -0.35
CA LEU A 127 12.57 3.04 -0.71
C LEU A 127 12.42 2.94 -2.26
N PRO A 128 12.32 1.73 -2.72
CA PRO A 128 12.06 1.49 -4.16
C PRO A 128 10.80 2.28 -4.52
N LYS A 129 10.77 3.11 -5.56
CA LYS A 129 9.55 3.83 -5.88
C LYS A 129 8.64 2.97 -6.74
N PRO A 130 7.38 2.87 -6.44
CA PRO A 130 6.46 2.08 -7.24
C PRO A 130 6.31 2.63 -8.64
N ASP A 131 6.13 1.72 -9.60
CA ASP A 131 5.88 2.20 -10.96
C ASP A 131 4.44 2.65 -11.11
N LEU A 132 3.58 2.17 -10.22
CA LEU A 132 2.15 2.37 -10.26
C LEU A 132 1.56 2.33 -8.86
N VAL A 133 0.79 3.32 -8.49
CA VAL A 133 0.17 3.32 -7.17
C VAL A 133 -1.33 3.42 -7.42
N LEU A 134 -2.09 2.37 -7.30
CA LEU A 134 -3.53 2.38 -7.43
C LEU A 134 -4.17 2.86 -6.14
N PHE A 135 -5.06 3.83 -6.20
CA PHE A 135 -5.81 4.26 -5.01
C PHE A 135 -7.25 3.78 -5.20
N LEU A 136 -7.68 2.87 -4.38
CA LEU A 136 -9.04 2.31 -4.37
C LEU A 136 -10.01 3.24 -3.65
N GLN A 137 -10.50 4.21 -4.41
CA GLN A 137 -11.38 5.26 -3.92
C GLN A 137 -12.80 4.80 -3.66
N LEU A 138 -13.30 5.10 -2.46
CA LEU A 138 -14.70 4.82 -2.17
C LEU A 138 -15.08 5.68 -0.95
N GLN A 139 -16.35 6.03 -0.91
CA GLN A 139 -16.85 6.82 0.21
C GLN A 139 -16.82 6.03 1.51
N LEU A 140 -16.27 6.65 2.57
CA LEU A 140 -16.23 5.98 3.86
C LEU A 140 -17.61 5.46 4.20
N ALA A 141 -18.69 6.07 3.71
CA ALA A 141 -20.03 5.55 4.04
C ALA A 141 -20.26 4.20 3.39
N ASP A 142 -19.80 4.04 2.15
CA ASP A 142 -19.99 2.77 1.45
C ASP A 142 -19.08 1.70 2.04
N ALA A 143 -17.87 2.07 2.43
CA ALA A 143 -16.95 1.08 3.00
C ALA A 143 -17.50 0.55 4.31
N ALA A 144 -18.25 1.42 4.99
CA ALA A 144 -18.84 1.09 6.28
C ALA A 144 -19.94 0.05 6.13
N LYS A 145 -20.45 -0.10 4.90
CA LYS A 145 -21.49 -1.08 4.63
C LYS A 145 -20.86 -2.47 4.45
N ARG A 146 -19.58 -2.47 4.08
CA ARG A 146 -18.88 -3.76 3.88
C ARG A 146 -18.68 -4.37 5.26
N GLY A 147 -19.81 -4.82 5.84
CA GLY A 147 -19.77 -5.44 7.16
C GLY A 147 -19.48 -4.41 8.25
N ALA A 148 -18.91 -4.86 9.35
CA ALA A 148 -18.61 -3.94 10.45
C ALA A 148 -17.10 -3.72 10.56
N PHE A 149 -16.72 -2.75 11.40
CA PHE A 149 -15.31 -2.49 11.62
C PHE A 149 -14.72 -3.67 12.41
N GLY A 150 -13.47 -4.01 12.12
CA GLY A 150 -12.77 -5.03 12.89
C GLY A 150 -12.45 -4.34 14.23
N HIS A 151 -11.79 -5.03 15.16
CA HIS A 151 -11.49 -4.37 16.43
C HIS A 151 -10.03 -3.93 16.48
N GLU A 152 -9.40 -3.86 15.30
CA GLU A 152 -7.98 -3.50 15.32
C GLU A 152 -7.88 -2.00 15.55
N ARG A 153 -6.68 -1.56 15.91
CA ARG A 153 -6.48 -0.13 16.13
C ARG A 153 -6.75 0.58 14.80
N TYR A 154 -7.23 1.82 14.87
CA TYR A 154 -7.50 2.62 13.71
C TYR A 154 -8.84 2.30 13.03
N GLU A 155 -9.50 1.24 13.46
CA GLU A 155 -10.74 0.83 12.78
C GLU A 155 -11.97 1.51 13.37
N ASN A 156 -12.05 2.80 13.16
CA ASN A 156 -13.19 3.61 13.55
C ASN A 156 -13.27 4.78 12.55
N GLY A 157 -14.47 5.32 12.40
CA GLY A 157 -14.80 6.34 11.46
C GLY A 157 -13.94 7.58 11.46
N ALA A 158 -13.81 8.20 12.65
CA ALA A 158 -13.04 9.44 12.75
C ALA A 158 -11.58 9.33 12.35
N PHE A 159 -10.94 8.24 12.76
CA PHE A 159 -9.54 8.05 12.40
C PHE A 159 -9.41 7.81 10.89
N GLN A 160 -10.31 7.05 10.30
CA GLN A 160 -10.26 6.73 8.88
C GLN A 160 -10.46 7.98 8.02
N GLU A 161 -11.33 8.85 8.52
CA GLU A 161 -11.58 10.10 7.79
C GLU A 161 -10.31 10.93 7.79
N ARG A 162 -9.59 10.95 8.91
CA ARG A 162 -8.34 11.72 8.95
C ARG A 162 -7.26 11.09 8.06
N ALA A 163 -7.21 9.73 8.07
CA ALA A 163 -6.21 9.12 7.17
C ALA A 163 -6.50 9.46 5.69
N LEU A 164 -7.76 9.36 5.32
CA LEU A 164 -8.22 9.65 3.96
C LEU A 164 -7.80 11.07 3.56
N ARG A 165 -8.06 12.05 4.42
CA ARG A 165 -7.53 13.38 4.10
C ARG A 165 -6.03 13.38 3.89
N CYS A 166 -5.24 12.61 4.66
CA CYS A 166 -3.79 12.61 4.43
C CYS A 166 -3.47 11.95 3.09
N PHE A 167 -4.16 10.87 2.75
CA PHE A 167 -3.93 10.27 1.42
C PHE A 167 -4.13 11.37 0.35
N HIS A 168 -5.15 12.17 0.51
CA HIS A 168 -5.43 13.22 -0.47
C HIS A 168 -4.27 14.19 -0.61
N GLN A 169 -3.59 14.49 0.50
CA GLN A 169 -2.41 15.36 0.36
C GLN A 169 -1.30 14.67 -0.42
N LEU A 170 -1.09 13.37 -0.14
CA LEU A 170 0.02 12.66 -0.75
C LEU A 170 -0.21 12.59 -2.24
N MET A 171 -1.51 12.60 -2.59
CA MET A 171 -1.80 12.45 -4.02
C MET A 171 -1.49 13.71 -4.82
N LYS A 172 -0.97 14.74 -4.17
CA LYS A 172 -0.54 15.92 -4.93
C LYS A 172 0.89 15.77 -5.38
N ASP A 173 1.63 14.76 -4.91
CA ASP A 173 2.98 14.53 -5.40
C ASP A 173 2.89 13.88 -6.78
N THR A 174 3.13 14.69 -7.79
CA THR A 174 3.05 14.20 -9.16
C THR A 174 4.28 13.37 -9.46
N THR A 175 5.24 13.27 -8.53
CA THR A 175 6.40 12.43 -8.84
C THR A 175 5.93 10.97 -9.00
N LEU A 176 4.79 10.63 -8.42
CA LEU A 176 4.37 9.22 -8.49
C LEU A 176 3.31 8.93 -9.54
N ASN A 177 3.29 7.74 -10.10
CA ASN A 177 2.24 7.39 -11.08
C ASN A 177 0.99 6.90 -10.35
N TRP A 178 0.22 7.82 -9.78
CA TRP A 178 -1.03 7.56 -9.10
C TRP A 178 -2.18 7.31 -10.08
N LYS A 179 -3.01 6.30 -9.81
CA LYS A 179 -4.20 6.06 -10.61
C LYS A 179 -5.39 5.80 -9.70
N MET A 180 -6.44 6.58 -9.94
CA MET A 180 -7.66 6.44 -9.16
C MET A 180 -8.47 5.27 -9.72
N VAL A 181 -8.95 4.43 -8.84
CA VAL A 181 -9.82 3.31 -9.14
C VAL A 181 -11.15 3.48 -8.41
N ASP A 182 -12.24 3.31 -9.14
CA ASP A 182 -13.57 3.40 -8.53
C ASP A 182 -13.81 2.10 -7.78
N ALA A 183 -13.41 2.05 -6.50
CA ALA A 183 -13.52 0.80 -5.73
C ALA A 183 -14.95 0.47 -5.31
N SER A 184 -15.92 1.33 -5.61
CA SER A 184 -17.31 1.04 -5.22
C SER A 184 -17.98 0.01 -6.13
N LYS A 185 -17.34 -0.32 -7.24
CA LYS A 185 -17.98 -1.28 -8.15
C LYS A 185 -17.86 -2.71 -7.65
N SER A 186 -18.31 -3.68 -8.43
CA SER A 186 -18.23 -5.07 -7.98
C SER A 186 -16.78 -5.53 -7.94
N ILE A 187 -16.54 -6.68 -7.34
CA ILE A 187 -15.17 -7.21 -7.23
C ILE A 187 -14.55 -7.47 -8.59
N GLU A 188 -15.35 -8.04 -9.51
CA GLU A 188 -14.85 -8.33 -10.84
C GLU A 188 -14.60 -7.09 -11.68
N ALA A 189 -15.49 -6.11 -11.52
CA ALA A 189 -15.38 -4.89 -12.32
C ALA A 189 -14.16 -4.09 -11.90
N VAL A 190 -13.99 -4.00 -10.58
CA VAL A 190 -12.84 -3.29 -10.03
C VAL A 190 -11.59 -4.04 -10.48
N HIS A 191 -11.68 -5.41 -10.41
CA HIS A 191 -10.49 -6.16 -10.80
C HIS A 191 -10.09 -5.88 -12.24
N GLU A 192 -11.04 -5.83 -13.17
CA GLU A 192 -10.68 -5.59 -14.57
C GLU A 192 -10.01 -4.24 -14.78
N ASP A 193 -10.50 -3.20 -14.10
CA ASP A 193 -9.87 -1.87 -14.18
C ASP A 193 -8.39 -1.90 -13.74
N ILE A 194 -8.19 -2.58 -12.60
CA ILE A 194 -6.87 -2.70 -12.00
C ILE A 194 -5.95 -3.55 -12.85
N ARG A 195 -6.46 -4.63 -13.45
CA ARG A 195 -5.67 -5.52 -14.28
C ARG A 195 -5.15 -4.84 -15.54
N VAL A 196 -6.03 -4.08 -16.19
CA VAL A 196 -5.65 -3.35 -17.41
C VAL A 196 -4.57 -2.32 -17.15
N LEU A 197 -4.77 -1.54 -16.08
CA LEU A 197 -3.76 -0.56 -15.64
C LEU A 197 -2.46 -1.28 -15.32
N SER A 198 -2.57 -2.43 -14.62
CA SER A 198 -1.31 -3.15 -14.32
C SER A 198 -0.55 -3.66 -15.53
N GLU A 199 -1.25 -4.22 -16.53
CA GLU A 199 -0.57 -4.69 -17.74
C GLU A 199 0.17 -3.53 -18.41
N ASP A 200 -0.41 -2.35 -18.49
CA ASP A 200 0.23 -1.19 -19.07
C ASP A 200 1.51 -0.81 -18.33
N ALA A 201 1.46 -0.81 -17.00
CA ALA A 201 2.60 -0.50 -16.15
C ALA A 201 3.71 -1.53 -16.29
N ILE A 202 3.39 -2.83 -16.39
CA ILE A 202 4.39 -3.85 -16.60
C ILE A 202 5.19 -3.61 -17.88
N ALA A 203 4.45 -3.27 -18.91
CA ALA A 203 5.07 -3.08 -20.23
C ALA A 203 5.98 -1.86 -20.19
N THR A 204 5.63 -0.78 -19.54
CA THR A 204 6.58 0.35 -19.49
C THR A 204 7.71 0.22 -18.47
N ALA A 205 7.51 -0.44 -17.35
CA ALA A 205 8.51 -0.61 -16.32
C ALA A 205 9.79 -1.21 -16.89
N THR A 206 9.67 -2.12 -17.87
CA THR A 206 10.88 -2.68 -18.49
C THR A 206 11.73 -1.62 -19.18
N GLU A 207 11.22 -0.38 -19.26
CA GLU A 207 11.93 0.66 -19.99
C GLU A 207 12.69 1.67 -19.15
N LYS A 208 12.45 1.73 -17.85
CA LYS A 208 13.13 2.74 -17.04
C LYS A 208 13.56 2.11 -15.73
N PRO A 209 14.73 2.50 -15.24
CA PRO A 209 15.28 1.96 -14.01
C PRO A 209 14.35 2.18 -12.83
N LEU A 210 14.54 1.36 -11.81
CA LEU A 210 13.74 1.51 -10.60
C LEU A 210 14.23 2.76 -9.91
N LYS A 211 13.33 3.63 -9.47
CA LYS A 211 13.79 4.86 -8.82
C LYS A 211 13.67 4.77 -7.31
N GLU A 212 13.89 5.92 -6.66
CA GLU A 212 13.84 5.99 -5.21
C GLU A 212 12.71 6.91 -4.80
N LEU A 213 11.91 6.45 -3.82
CA LEU A 213 10.76 7.23 -3.38
C LEU A 213 11.10 8.51 -2.61
N TRP A 214 10.33 9.56 -2.92
CA TRP A 214 10.46 10.82 -2.18
C TRP A 214 11.88 11.35 -2.17
N LYS A 215 12.67 10.98 -3.13
CA LYS A 215 14.11 11.26 -3.16
C LYS A 215 14.55 11.77 -4.52
P TMP B . -4.52 -3.71 6.69
P TMP B . -3.87 -4.41 7.08
O1P TMP B . -5.78 -2.93 6.76
O1P TMP B . -3.56 -4.29 5.65
O2P TMP B . -3.83 -3.78 5.38
O2P TMP B . -5.29 -4.31 7.52
O3P TMP B . -4.64 -5.14 7.44
O3P TMP B . -3.12 -5.63 7.85
O5' TMP B . -3.43 -3.04 7.64
O5' TMP B . -3.03 -3.25 7.81
C5' TMP B . -3.31 -3.00 9.07
C5' TMP B . -3.26 -3.02 9.21
C4' TMP B . -3.15 -1.53 9.51
O4' TMP B . -1.87 -0.91 9.56
C3' TMP B . -4.12 -0.60 8.80
O3' TMP B . -4.84 0.13 9.78
C2' TMP B . -3.19 0.38 8.08
C1' TMP B . -1.97 0.40 9.03
N1 TMP B . -0.65 0.85 8.65
C2 TMP B . -0.02 1.89 9.39
O2 TMP B . -0.56 2.51 10.32
N3 TMP B . 1.27 2.10 8.93
C4 TMP B . 1.85 1.45 7.87
O4 TMP B . 3.16 1.69 7.46
C5 TMP B . 1.12 0.34 7.16
C5M TMP B . 1.85 -0.33 6.04
C6 TMP B . -0.13 0.14 7.61
PB ADP C . -9.06 -4.03 2.54
O1B ADP C . -8.91 -2.75 1.77
O2B ADP C . -7.87 -4.90 2.54
O3B ADP C . -9.52 -3.80 4.04
PA ADP C . -10.68 -6.36 1.72
O1A ADP C . -10.27 -7.08 2.93
O2A ADP C . -10.23 -6.82 0.38
O3A ADP C . -10.30 -4.78 1.81
O5' ADP C . -12.25 -6.26 1.66
C5' ADP C . -13.02 -5.75 2.77
C4' ADP C . -14.40 -6.41 2.76
O4' ADP C . -15.11 -5.95 1.63
C3' ADP C . -14.40 -7.93 2.72
O3' ADP C . -15.59 -8.32 3.36
C2' ADP C . -14.61 -8.18 1.20
O2' ADP C . -15.28 -9.34 0.86
C1' ADP C . -15.56 -7.02 0.85
N9 ADP C . -15.41 -6.61 -0.56
C8 ADP C . -14.23 -6.47 -1.24
N7 ADP C . -14.37 -5.80 -2.37
C5 ADP C . -15.75 -5.50 -2.42
C6 ADP C . -16.52 -4.82 -3.38
N6 ADP C . -16.05 -4.32 -4.47
N1 ADP C . -17.82 -4.74 -3.04
C2 ADP C . -18.37 -5.25 -1.94
N3 ADP C . -17.70 -5.91 -1.00
C4 ADP C . -16.43 -5.97 -1.32
PG ANP D . -8.17 -3.57 5.34
O1G ANP D . -8.94 -3.72 6.60
O2G ANP D . -7.77 -2.15 5.06
O3G ANP D . -7.12 -4.61 5.22
PB ANP D . -9.14 -4.20 2.54
O1B ANP D . -9.31 -2.98 1.72
O2B ANP D . -7.92 -4.95 2.26
N3B ANP D . -9.31 -3.85 4.16
PA ANP D . -10.79 -6.29 1.48
O1A ANP D . -10.29 -6.43 0.13
O2A ANP D . -10.33 -7.36 2.45
O3A ANP D . -10.51 -4.91 2.17
O5' ANP D . -12.40 -6.30 1.55
C5' ANP D . -13.17 -5.86 2.70
C4' ANP D . -14.42 -6.71 2.85
O4' ANP D . -15.41 -6.21 1.96
C3' ANP D . -14.20 -8.19 2.45
O3' ANP D . -15.13 -9.08 3.12
C2' ANP D . -14.45 -8.17 0.98
O2' ANP D . -15.02 -9.40 0.42
C1' ANP D . -15.54 -7.09 0.84
N9 ANP D . -15.32 -6.36 -0.43
C8 ANP D . -14.12 -6.26 -1.11
N7 ANP D . -14.27 -5.80 -2.32
C5 ANP D . -15.62 -5.59 -2.45
C6 ANP D . -16.38 -5.09 -3.55
N6 ANP D . -15.83 -4.74 -4.73
N1 ANP D . -17.70 -4.99 -3.33
C2 ANP D . -18.20 -5.36 -2.14
N3 ANP D . -17.61 -5.83 -1.07
C4 ANP D . -16.27 -5.92 -1.31
MG MG E . -6.58 -5.85 3.67
MG MG F . 14.19 17.54 4.98
#